data_4JWP
#
_entry.id   4JWP
#
_cell.length_a   72.420
_cell.length_b   74.380
_cell.length_c   67.550
_cell.angle_alpha   90.000
_cell.angle_beta   91.620
_cell.angle_gamma   90.000
#
_symmetry.space_group_name_H-M   'C 1 2 1'
#
loop_
_entity.id
_entity.type
_entity.pdbx_description
1 polymer 'GCN5-related N-acetyltransferase'
2 non-polymer 'ACETYL COENZYME *A'
3 non-polymer 'CALCIUM ION'
4 non-polymer 'CHLORIDE ION'
5 water water
#
_entity_poly.entity_id   1
_entity_poly.type   'polypeptide(L)'
_entity_poly.pdbx_seq_one_letter_code
;MAHHHHHHMGTLEAQTQGPGSMTLLIRHATEADLPALLAIYNDAVENTLAIWNETLVDLENRHQWLENRNRDGFPVLVAE
REGQVVGYASYGPFRPFEGFRHSSELSVYVASNARGGGIGRTLLAELIEEARERKVHVLIAGIEAGNAASIALHRSQGFE
ECGTLKQVGQKFGRWLDLLFMQKIL
;
_entity_poly.pdbx_strand_id   A,B
#
loop_
_chem_comp.id
_chem_comp.type
_chem_comp.name
_chem_comp.formula
ACO non-polymer 'ACETYL COENZYME *A' 'C23 H38 N7 O17 P3 S'
CA non-polymer 'CALCIUM ION' 'Ca 2'
CL non-polymer 'CHLORIDE ION' 'Cl -1'
#
# COMPACT_ATOMS: atom_id res chain seq x y z
N SER A 21 -30.03 7.11 -26.42
CA SER A 21 -29.96 5.79 -25.76
C SER A 21 -28.98 5.98 -24.64
N MET A 22 -29.37 5.47 -23.47
CA MET A 22 -28.52 5.50 -22.31
C MET A 22 -27.57 4.27 -22.27
N THR A 23 -27.75 3.31 -23.19
CA THR A 23 -27.05 2.02 -23.06
C THR A 23 -25.56 2.21 -23.27
N LEU A 24 -24.76 1.56 -22.44
CA LEU A 24 -23.31 1.75 -22.45
C LEU A 24 -22.60 0.80 -23.40
N LEU A 25 -21.57 1.31 -24.05
CA LEU A 25 -20.56 0.53 -24.72
C LEU A 25 -19.36 0.42 -23.78
N ILE A 26 -18.94 -0.79 -23.45
CA ILE A 26 -17.77 -0.98 -22.56
C ILE A 26 -16.60 -1.46 -23.40
N ARG A 27 -15.45 -0.80 -23.27
CA ARG A 27 -14.34 -1.07 -24.17
C ARG A 27 -13.06 -0.59 -23.53
N HIS A 28 -11.93 -0.91 -24.14
CA HIS A 28 -10.64 -0.43 -23.67
C HIS A 28 -10.43 1.05 -24.04
N ALA A 29 -9.74 1.77 -23.16
CA ALA A 29 -9.40 3.17 -23.38
C ALA A 29 -8.47 3.37 -24.56
N THR A 30 -8.72 4.41 -25.36
CA THR A 30 -7.79 4.86 -26.38
C THR A 30 -7.26 6.22 -26.02
N GLU A 31 -6.30 6.68 -26.79
CA GLU A 31 -5.75 8.03 -26.57
C GLU A 31 -6.80 9.10 -26.81
N ALA A 32 -7.71 8.85 -27.74
CA ALA A 32 -8.87 9.73 -27.96
C ALA A 32 -9.73 9.98 -26.70
N ASP A 33 -9.74 9.03 -25.78
CA ASP A 33 -10.48 9.19 -24.52
C ASP A 33 -9.76 10.07 -23.50
N LEU A 34 -8.52 10.48 -23.74
CA LEU A 34 -7.76 11.10 -22.65
C LEU A 34 -8.33 12.39 -22.03
N PRO A 35 -8.85 13.28 -22.88
CA PRO A 35 -9.49 14.49 -22.32
C PRO A 35 -10.66 14.19 -21.39
N ALA A 36 -11.52 13.24 -21.74
CA ALA A 36 -12.59 12.77 -20.85
C ALA A 36 -12.04 12.18 -19.57
N LEU A 37 -11.06 11.31 -19.70
CA LEU A 37 -10.44 10.71 -18.53
C LEU A 37 -9.78 11.74 -17.61
N LEU A 38 -9.09 12.71 -18.21
CA LEU A 38 -8.49 13.82 -17.46
C LEU A 38 -9.53 14.55 -16.65
N ALA A 39 -10.65 14.89 -17.26
CA ALA A 39 -11.64 15.71 -16.57
C ALA A 39 -12.27 14.91 -15.42
N ILE A 40 -12.60 13.66 -15.66
CA ILE A 40 -13.15 12.81 -14.59
C ILE A 40 -12.17 12.68 -13.42
N TYR A 41 -10.91 12.45 -13.77
CA TYR A 41 -9.89 12.29 -12.75
C TYR A 41 -9.69 13.60 -11.93
N ASN A 42 -9.51 14.73 -12.59
CA ASN A 42 -9.30 15.96 -11.86
C ASN A 42 -10.52 16.34 -11.00
N ASP A 43 -11.72 16.07 -11.48
CA ASP A 43 -12.92 16.37 -10.71
C ASP A 43 -12.94 15.49 -9.45
N ALA A 44 -12.54 14.23 -9.56
CA ALA A 44 -12.53 13.31 -8.42
C ALA A 44 -11.50 13.74 -7.38
N VAL A 45 -10.35 14.22 -7.85
CA VAL A 45 -9.31 14.71 -6.91
C VAL A 45 -9.74 15.92 -6.14
N GLU A 46 -10.29 16.89 -6.86
CA GLU A 46 -10.60 18.15 -6.28
C GLU A 46 -11.83 18.03 -5.39
N ASN A 47 -12.79 17.17 -5.76
CA ASN A 47 -14.11 17.23 -5.14
C ASN A 47 -14.55 16.03 -4.31
N THR A 48 -13.81 14.93 -4.35
CA THR A 48 -14.18 13.73 -3.63
C THR A 48 -12.98 13.28 -2.80
N LEU A 49 -13.20 12.26 -1.98
CA LEU A 49 -12.12 11.69 -1.16
C LEU A 49 -11.70 10.34 -1.75
N ALA A 50 -11.79 10.24 -3.07
CA ALA A 50 -11.39 9.02 -3.80
C ALA A 50 -9.86 8.90 -3.91
N ILE A 51 -9.16 10.04 -3.86
CA ILE A 51 -7.70 10.07 -4.07
C ILE A 51 -7.17 10.95 -2.95
N TRP A 52 -6.20 10.45 -2.18
CA TRP A 52 -5.82 11.14 -0.97
C TRP A 52 -4.58 12.00 -1.19
N ASN A 53 -4.73 12.98 -2.04
CA ASN A 53 -3.75 14.04 -2.26
C ASN A 53 -4.56 15.01 -3.06
N GLU A 54 -4.01 16.17 -3.36
CA GLU A 54 -4.81 17.21 -3.99
C GLU A 54 -4.22 17.55 -5.35
N THR A 55 -3.47 16.61 -5.92
CA THR A 55 -2.67 16.97 -7.08
C THR A 55 -3.52 16.86 -8.35
N LEU A 56 -3.77 18.00 -8.99
CA LEU A 56 -4.38 18.00 -10.31
C LEU A 56 -3.34 17.63 -11.36
N VAL A 57 -3.76 16.94 -12.40
CA VAL A 57 -2.82 16.57 -13.44
C VAL A 57 -3.21 17.14 -14.78
N ASP A 58 -2.33 16.95 -15.77
CA ASP A 58 -2.59 17.44 -17.13
C ASP A 58 -2.70 16.30 -18.18
N LEU A 59 -2.96 16.69 -19.43
CA LEU A 59 -3.18 15.70 -20.51
C LEU A 59 -1.95 14.83 -20.76
N GLU A 60 -0.78 15.45 -20.77
CA GLU A 60 0.47 14.70 -20.93
C GLU A 60 0.65 13.67 -19.81
N ASN A 61 0.32 14.09 -18.58
CA ASN A 61 0.39 13.19 -17.43
C ASN A 61 -0.45 11.92 -17.65
N ARG A 62 -1.71 12.10 -17.97
CA ARG A 62 -2.62 10.98 -18.28
C ARG A 62 -2.19 10.17 -19.49
N HIS A 63 -1.64 10.84 -20.51
CA HIS A 63 -1.09 10.13 -21.64
C HIS A 63 -0.02 9.12 -21.19
N GLN A 64 0.90 9.59 -20.34
CA GLN A 64 1.95 8.70 -19.83
C GLN A 64 1.32 7.60 -18.99
N TRP A 65 0.33 7.95 -18.18
CA TRP A 65 -0.32 6.98 -17.31
C TRP A 65 -0.93 5.84 -18.13
N LEU A 66 -1.62 6.19 -19.20
CA LEU A 66 -2.27 5.25 -20.10
C LEU A 66 -1.23 4.31 -20.80
N GLU A 67 -0.19 4.93 -21.33
CA GLU A 67 0.89 4.22 -21.99
C GLU A 67 1.52 3.23 -21.05
N ASN A 68 1.78 3.64 -19.80
CA ASN A 68 2.39 2.74 -18.84
C ASN A 68 1.46 1.62 -18.44
N ARG A 69 0.16 1.93 -18.26
CA ARG A 69 -0.85 0.89 -18.12
C ARG A 69 -0.80 -0.16 -19.23
N ASN A 70 -0.93 0.25 -20.49
CA ASN A 70 -0.93 -0.68 -21.60
C ASN A 70 0.37 -1.52 -21.61
N ARG A 71 1.51 -0.84 -21.48
CA ARG A 71 2.82 -1.48 -21.47
C ARG A 71 2.91 -2.55 -20.38
N ASP A 72 2.38 -2.24 -19.21
CA ASP A 72 2.48 -3.14 -18.08
C ASP A 72 1.41 -4.21 -18.12
N GLY A 73 0.53 -4.17 -19.11
CA GLY A 73 -0.51 -5.15 -19.21
C GLY A 73 -1.63 -4.98 -18.20
N PHE A 74 -1.83 -3.75 -17.73
CA PHE A 74 -2.97 -3.46 -16.85
C PHE A 74 -4.05 -2.81 -17.66
N PRO A 75 -5.29 -3.30 -17.56
CA PRO A 75 -6.30 -2.71 -18.42
C PRO A 75 -6.86 -1.39 -17.91
N VAL A 76 -7.31 -0.58 -18.88
CA VAL A 76 -8.10 0.61 -18.61
C VAL A 76 -9.40 0.48 -19.43
N LEU A 77 -10.51 0.29 -18.75
CA LEU A 77 -11.81 0.19 -19.40
C LEU A 77 -12.56 1.50 -19.32
N VAL A 78 -13.30 1.83 -20.39
CA VAL A 78 -14.16 2.98 -20.36
C VAL A 78 -15.61 2.55 -20.63
N ALA A 79 -16.54 3.33 -20.09
CA ALA A 79 -17.93 3.25 -20.43
C ALA A 79 -18.28 4.45 -21.29
N GLU A 80 -18.87 4.17 -22.42
CA GLU A 80 -19.22 5.16 -23.39
C GLU A 80 -20.74 5.21 -23.59
N ARG A 81 -21.27 6.41 -23.53
CA ARG A 81 -22.68 6.64 -23.68
C ARG A 81 -22.90 7.85 -24.63
N GLU A 82 -23.72 7.65 -25.65
CA GLU A 82 -23.96 8.64 -26.70
C GLU A 82 -22.64 9.22 -27.20
N GLY A 83 -21.66 8.37 -27.42
CA GLY A 83 -20.36 8.77 -27.92
C GLY A 83 -19.42 9.40 -26.92
N GLN A 84 -19.83 9.54 -25.66
CA GLN A 84 -19.02 10.24 -24.67
C GLN A 84 -18.58 9.25 -23.58
N VAL A 85 -17.31 9.31 -23.20
CA VAL A 85 -16.84 8.56 -22.04
C VAL A 85 -17.46 9.11 -20.74
N VAL A 86 -18.14 8.26 -19.97
CA VAL A 86 -18.84 8.67 -18.76
C VAL A 86 -18.31 7.97 -17.51
N GLY A 87 -17.24 7.17 -17.69
CA GLY A 87 -16.56 6.56 -16.55
C GLY A 87 -15.44 5.65 -17.02
N TYR A 88 -14.57 5.29 -16.08
CA TYR A 88 -13.50 4.37 -16.38
C TYR A 88 -13.05 3.61 -15.14
N ALA A 89 -12.42 2.46 -15.37
CA ALA A 89 -11.85 1.66 -14.29
C ALA A 89 -10.52 1.04 -14.76
N SER A 90 -9.61 0.86 -13.80
CA SER A 90 -8.31 0.24 -14.07
C SER A 90 -7.86 -0.46 -12.79
N TYR A 91 -6.76 -1.18 -12.86
CA TYR A 91 -6.07 -1.61 -11.66
C TYR A 91 -4.58 -1.53 -11.91
N GLY A 92 -3.81 -1.52 -10.81
CA GLY A 92 -2.39 -1.63 -10.87
C GLY A 92 -1.83 -2.32 -9.62
N PRO A 93 -0.52 -2.24 -9.42
CA PRO A 93 0.15 -2.87 -8.28
C PRO A 93 -0.42 -2.41 -6.94
N PHE A 94 -0.64 -3.37 -6.05
CA PHE A 94 -1.09 -3.04 -4.72
C PHE A 94 0.12 -2.53 -3.93
N ARG A 95 1.21 -3.30 -3.94
CA ARG A 95 2.45 -2.91 -3.24
C ARG A 95 3.64 -3.38 -4.10
N PRO A 96 4.80 -2.74 -3.91
CA PRO A 96 5.97 -3.15 -4.72
C PRO A 96 6.56 -4.59 -4.52
N PHE A 97 7.19 -5.08 -5.56
CA PHE A 97 8.04 -6.29 -5.56
C PHE A 97 7.26 -7.59 -5.58
N GLU A 98 8.00 -8.67 -5.80
CA GLU A 98 7.48 -9.91 -6.33
C GLU A 98 6.36 -10.47 -5.49
N GLY A 99 6.49 -10.35 -4.17
CA GLY A 99 5.55 -10.92 -3.26
C GLY A 99 4.11 -10.55 -3.53
N PHE A 100 3.87 -9.37 -4.03
CA PHE A 100 2.52 -8.91 -4.20
C PHE A 100 2.11 -8.94 -5.69
N ARG A 101 2.88 -9.61 -6.52
CA ARG A 101 2.65 -9.46 -7.96
C ARG A 101 1.28 -9.91 -8.41
N HIS A 102 0.66 -10.87 -7.69
CA HIS A 102 -0.68 -11.35 -8.04
C HIS A 102 -1.84 -10.60 -7.35
N SER A 103 -1.52 -9.50 -6.68
CA SER A 103 -2.54 -8.65 -6.07
C SER A 103 -2.54 -7.31 -6.77
N SER A 104 -3.72 -6.84 -7.14
CA SER A 104 -3.81 -5.55 -7.78
C SER A 104 -4.82 -4.66 -7.04
N GLU A 105 -4.53 -3.36 -6.98
CA GLU A 105 -5.46 -2.42 -6.38
C GLU A 105 -6.19 -1.69 -7.49
N LEU A 106 -7.51 -1.65 -7.39
CA LEU A 106 -8.32 -1.11 -8.49
C LEU A 106 -8.72 0.34 -8.28
N SER A 107 -9.12 0.98 -9.39
CA SER A 107 -9.68 2.33 -9.39
C SER A 107 -10.92 2.33 -10.26
N VAL A 108 -11.92 3.10 -9.85
CA VAL A 108 -13.14 3.28 -10.64
C VAL A 108 -13.67 4.69 -10.42
N TYR A 109 -14.02 5.37 -11.52
CA TYR A 109 -14.52 6.72 -11.46
C TYR A 109 -15.66 6.89 -12.44
N VAL A 110 -16.75 7.48 -11.98
CA VAL A 110 -17.87 7.80 -12.89
C VAL A 110 -18.01 9.32 -12.90
N ALA A 111 -18.31 9.87 -14.08
CA ALA A 111 -18.50 11.30 -14.25
C ALA A 111 -19.51 11.81 -13.24
N SER A 112 -19.22 13.01 -12.69
CA SER A 112 -19.97 13.58 -11.58
C SER A 112 -21.43 13.84 -11.90
N ASN A 113 -21.76 13.99 -13.17
CA ASN A 113 -23.15 14.19 -13.56
C ASN A 113 -23.84 12.90 -13.99
N ALA A 114 -23.17 11.76 -13.80
CA ALA A 114 -23.73 10.49 -14.25
C ALA A 114 -23.78 9.41 -13.19
N ARG A 115 -23.63 9.80 -11.92
CA ARG A 115 -23.49 8.84 -10.86
C ARG A 115 -24.84 8.29 -10.41
N GLY A 116 -24.79 7.12 -9.79
CA GLY A 116 -25.95 6.50 -9.20
C GLY A 116 -26.79 5.77 -10.19
N GLY A 117 -26.27 5.55 -11.40
CA GLY A 117 -27.05 4.97 -12.47
C GLY A 117 -26.53 3.65 -13.00
N GLY A 118 -25.73 2.93 -12.20
CA GLY A 118 -25.22 1.64 -12.63
C GLY A 118 -23.94 1.62 -13.48
N ILE A 119 -23.37 2.78 -13.79
CA ILE A 119 -22.15 2.79 -14.61
C ILE A 119 -21.02 2.14 -13.83
N GLY A 120 -20.89 2.50 -12.56
CA GLY A 120 -19.90 1.92 -11.68
C GLY A 120 -19.97 0.40 -11.59
N ARG A 121 -21.18 -0.14 -11.36
CA ARG A 121 -21.41 -1.60 -11.31
C ARG A 121 -20.94 -2.29 -12.62
N THR A 122 -21.29 -1.70 -13.75
CA THR A 122 -20.93 -2.24 -15.06
C THR A 122 -19.43 -2.31 -15.26
N LEU A 123 -18.75 -1.21 -14.93
CA LEU A 123 -17.31 -1.12 -15.09
C LEU A 123 -16.56 -2.09 -14.17
N LEU A 124 -16.94 -2.13 -12.91
CA LEU A 124 -16.35 -3.07 -11.97
C LEU A 124 -16.58 -4.55 -12.36
N ALA A 125 -17.80 -4.92 -12.72
CA ALA A 125 -18.04 -6.31 -13.17
C ALA A 125 -17.10 -6.68 -14.34
N GLU A 126 -16.92 -5.80 -15.30
CA GLU A 126 -16.07 -6.08 -16.44
C GLU A 126 -14.59 -6.14 -16.07
N LEU A 127 -14.17 -5.22 -15.19
CA LEU A 127 -12.79 -5.16 -14.74
C LEU A 127 -12.44 -6.46 -14.00
N ILE A 128 -13.37 -6.94 -13.19
CA ILE A 128 -13.23 -8.21 -12.52
C ILE A 128 -12.99 -9.34 -13.53
N GLU A 129 -13.77 -9.36 -14.60
CA GLU A 129 -13.58 -10.40 -15.61
C GLU A 129 -12.20 -10.28 -16.28
N GLU A 130 -11.78 -9.06 -16.62
CA GLU A 130 -10.42 -8.84 -17.19
C GLU A 130 -9.32 -9.26 -16.27
N ALA A 131 -9.47 -8.95 -15.01
CA ALA A 131 -8.47 -9.32 -14.03
C ALA A 131 -8.36 -10.85 -13.94
N ARG A 132 -9.49 -11.55 -13.86
CA ARG A 132 -9.50 -13.02 -13.83
C ARG A 132 -8.72 -13.56 -15.02
N GLU A 133 -9.03 -13.05 -16.21
CA GLU A 133 -8.41 -13.50 -17.45
C GLU A 133 -6.92 -13.30 -17.43
N ARG A 134 -6.49 -12.21 -16.84
CA ARG A 134 -5.09 -11.89 -16.80
C ARG A 134 -4.42 -12.50 -15.58
N LYS A 135 -5.08 -13.46 -14.91
CA LYS A 135 -4.49 -14.22 -13.80
C LYS A 135 -4.21 -13.41 -12.52
N VAL A 136 -4.96 -12.34 -12.29
CA VAL A 136 -4.89 -11.65 -11.03
C VAL A 136 -5.47 -12.61 -9.96
N HIS A 137 -4.79 -12.76 -8.83
CA HIS A 137 -5.35 -13.59 -7.72
C HIS A 137 -6.29 -12.81 -6.78
N VAL A 138 -5.94 -11.58 -6.40
CA VAL A 138 -6.76 -10.79 -5.48
C VAL A 138 -6.88 -9.39 -6.01
N LEU A 139 -8.10 -8.88 -6.10
CA LEU A 139 -8.30 -7.45 -6.31
C LEU A 139 -8.53 -6.76 -4.98
N ILE A 140 -7.94 -5.60 -4.79
CA ILE A 140 -8.01 -4.84 -3.53
C ILE A 140 -8.60 -3.47 -3.77
N ALA A 141 -9.49 -3.04 -2.86
CA ALA A 141 -9.98 -1.68 -2.88
C ALA A 141 -9.65 -1.03 -1.58
N GLY A 142 -8.96 0.11 -1.68
CA GLY A 142 -8.72 1.01 -0.53
C GLY A 142 -9.70 2.18 -0.59
N ILE A 143 -10.62 2.22 0.37
CA ILE A 143 -11.77 3.08 0.30
C ILE A 143 -11.86 3.92 1.57
N GLU A 144 -12.11 5.22 1.41
CA GLU A 144 -12.36 6.06 2.57
C GLU A 144 -13.65 5.59 3.24
N ALA A 145 -13.63 5.53 4.57
CA ALA A 145 -14.63 4.82 5.30
C ALA A 145 -16.04 5.41 5.12
N GLY A 146 -16.13 6.70 4.84
CA GLY A 146 -17.36 7.38 4.57
C GLY A 146 -17.79 7.33 3.11
N ASN A 147 -17.07 6.62 2.24
CA ASN A 147 -17.47 6.56 0.82
C ASN A 147 -18.53 5.49 0.58
N ALA A 148 -19.79 5.84 0.85
CA ALA A 148 -20.83 4.85 0.93
C ALA A 148 -21.09 4.24 -0.41
N ALA A 149 -21.00 5.05 -1.44
CA ALA A 149 -21.19 4.55 -2.82
C ALA A 149 -20.18 3.44 -3.15
N SER A 150 -18.90 3.69 -2.84
CA SER A 150 -17.86 2.76 -3.23
C SER A 150 -18.02 1.45 -2.44
N ILE A 151 -18.30 1.58 -1.15
CA ILE A 151 -18.51 0.43 -0.31
C ILE A 151 -19.66 -0.43 -0.83
N ALA A 152 -20.77 0.22 -1.19
CA ALA A 152 -21.94 -0.51 -1.74
C ALA A 152 -21.59 -1.17 -3.07
N LEU A 153 -20.89 -0.43 -3.90
CA LEU A 153 -20.45 -0.93 -5.21
C LEU A 153 -19.64 -2.22 -5.09
N HIS A 154 -18.63 -2.17 -4.24
CA HIS A 154 -17.77 -3.30 -4.05
C HIS A 154 -18.47 -4.47 -3.38
N ARG A 155 -19.28 -4.20 -2.34
CA ARG A 155 -20.04 -5.25 -1.68
C ARG A 155 -20.94 -5.98 -2.72
N SER A 156 -21.54 -5.23 -3.64
CA SER A 156 -22.38 -5.83 -4.68
C SER A 156 -21.65 -6.79 -5.62
N GLN A 157 -20.30 -6.70 -5.70
CA GLN A 157 -19.56 -7.59 -6.60
C GLN A 157 -18.81 -8.65 -5.82
N GLY A 158 -19.24 -8.90 -4.59
CA GLY A 158 -18.69 -9.93 -3.77
C GLY A 158 -17.41 -9.57 -3.02
N PHE A 159 -17.00 -8.29 -2.98
CA PHE A 159 -15.86 -7.91 -2.16
C PHE A 159 -16.21 -8.06 -0.69
N GLU A 160 -15.25 -8.46 0.13
CA GLU A 160 -15.48 -8.52 1.56
CA GLU A 160 -15.44 -8.58 1.58
C GLU A 160 -14.59 -7.51 2.31
N GLU A 161 -15.09 -6.99 3.42
CA GLU A 161 -14.35 -6.05 4.24
C GLU A 161 -13.20 -6.77 4.92
N CYS A 162 -12.03 -6.17 4.91
CA CYS A 162 -10.86 -6.73 5.60
C CYS A 162 -10.70 -6.05 6.96
N GLY A 163 -10.88 -4.73 6.98
CA GLY A 163 -10.71 -3.96 8.18
C GLY A 163 -10.39 -2.53 7.85
N THR A 164 -10.23 -1.73 8.90
CA THR A 164 -10.12 -0.28 8.77
C THR A 164 -8.92 0.25 9.50
N LEU A 165 -8.18 1.10 8.81
CA LEU A 165 -7.01 1.72 9.40
C LEU A 165 -7.44 3.12 9.78
N LYS A 166 -7.51 3.40 11.07
CA LYS A 166 -8.11 4.67 11.53
C LYS A 166 -7.12 5.84 11.48
N GLN A 167 -7.59 6.98 10.95
CA GLN A 167 -6.86 8.25 10.99
C GLN A 167 -5.54 8.20 10.22
N VAL A 168 -5.46 7.32 9.23
CA VAL A 168 -4.23 7.17 8.46
C VAL A 168 -4.12 8.20 7.34
N GLY A 169 -5.22 8.85 7.02
CA GLY A 169 -5.21 9.88 6.00
C GLY A 169 -5.63 11.20 6.60
N GLN A 170 -5.46 12.27 5.84
CA GLN A 170 -5.86 13.60 6.28
C GLN A 170 -6.32 14.47 5.11
N LYS A 171 -7.42 15.23 5.34
CA LYS A 171 -7.92 16.32 4.49
C LYS A 171 -8.24 17.52 5.38
N PHE A 172 -7.66 18.68 5.08
CA PHE A 172 -8.18 19.93 5.57
C PHE A 172 -8.15 19.98 7.10
N GLY A 173 -7.16 19.33 7.70
CA GLY A 173 -7.09 19.22 9.15
C GLY A 173 -7.92 18.09 9.72
N ARG A 174 -8.68 17.41 8.86
CA ARG A 174 -9.56 16.25 9.23
C ARG A 174 -8.91 14.86 8.98
N TRP A 175 -8.85 14.00 9.99
CA TRP A 175 -8.25 12.64 9.85
C TRP A 175 -9.25 11.76 9.19
N LEU A 176 -8.80 10.92 8.25
CA LEU A 176 -9.64 10.00 7.49
C LEU A 176 -9.28 8.56 7.83
N ASP A 177 -10.27 7.68 7.72
CA ASP A 177 -10.05 6.23 7.86
C ASP A 177 -10.08 5.49 6.51
N LEU A 178 -9.26 4.45 6.39
CA LEU A 178 -9.12 3.69 5.17
C LEU A 178 -9.65 2.29 5.39
N LEU A 179 -10.71 1.92 4.70
CA LEU A 179 -11.25 0.59 4.76
C LEU A 179 -10.66 -0.20 3.61
N PHE A 180 -10.16 -1.41 3.86
CA PHE A 180 -9.77 -2.31 2.76
C PHE A 180 -10.86 -3.32 2.48
N MET A 181 -11.14 -3.51 1.20
CA MET A 181 -11.98 -4.63 0.75
C MET A 181 -11.20 -5.46 -0.24
N GLN A 182 -11.52 -6.75 -0.30
CA GLN A 182 -10.87 -7.64 -1.21
C GLN A 182 -11.82 -8.64 -1.84
N LYS A 183 -11.39 -9.14 -2.99
CA LYS A 183 -12.08 -10.23 -3.70
C LYS A 183 -11.03 -11.17 -4.26
N ILE A 184 -11.08 -12.41 -3.84
CA ILE A 184 -10.14 -13.40 -4.32
C ILE A 184 -10.79 -13.96 -5.56
N LEU A 185 -10.02 -14.01 -6.64
CA LEU A 185 -10.52 -14.42 -7.93
C LEU A 185 -10.33 -15.90 -8.19
N THR B 23 24.40 -4.95 27.47
CA THR B 23 24.21 -3.55 27.01
C THR B 23 24.00 -3.50 25.49
N LEU B 24 22.74 -3.35 25.07
CA LEU B 24 22.41 -2.94 23.70
C LEU B 24 22.53 -1.44 23.66
N LEU B 25 23.25 -0.91 22.68
CA LEU B 25 23.21 0.52 22.34
C LEU B 25 22.28 0.73 21.12
N ILE B 26 21.33 1.65 21.21
CA ILE B 26 20.46 1.97 20.07
C ILE B 26 20.91 3.31 19.55
N ARG B 27 21.19 3.41 18.26
CA ARG B 27 21.72 4.64 17.68
C ARG B 27 21.31 4.78 16.24
N HIS B 28 21.57 5.94 15.65
CA HIS B 28 21.25 6.18 14.25
C HIS B 28 22.25 5.44 13.30
N ALA B 29 21.73 4.93 12.20
CA ALA B 29 22.53 4.20 11.24
C ALA B 29 23.52 5.11 10.53
N THR B 30 24.71 4.59 10.27
CA THR B 30 25.67 5.26 9.42
C THR B 30 25.91 4.50 8.13
N GLU B 31 26.65 5.14 7.24
CA GLU B 31 27.13 4.47 6.05
C GLU B 31 28.01 3.26 6.39
N ALA B 32 28.69 3.34 7.54
CA ALA B 32 29.53 2.25 8.02
C ALA B 32 28.73 1.00 8.31
N ASP B 33 27.46 1.17 8.64
CA ASP B 33 26.61 0.06 9.03
C ASP B 33 26.05 -0.73 7.85
N LEU B 34 26.23 -0.24 6.62
CA LEU B 34 25.48 -0.79 5.49
C LEU B 34 25.73 -2.27 5.20
N PRO B 35 26.99 -2.72 5.31
CA PRO B 35 27.24 -4.15 5.08
C PRO B 35 26.47 -5.05 6.04
N ALA B 36 26.43 -4.66 7.31
CA ALA B 36 25.66 -5.44 8.28
C ALA B 36 24.17 -5.33 8.00
N LEU B 37 23.72 -4.13 7.64
CA LEU B 37 22.31 -3.94 7.32
C LEU B 37 21.92 -4.81 6.10
N LEU B 38 22.78 -4.81 5.11
CA LEU B 38 22.59 -5.61 3.89
C LEU B 38 22.44 -7.10 4.19
N ALA B 39 23.27 -7.62 5.11
CA ALA B 39 23.30 -9.05 5.39
C ALA B 39 22.06 -9.49 6.16
N ILE B 40 21.61 -8.65 7.11
CA ILE B 40 20.39 -8.94 7.85
C ILE B 40 19.16 -8.85 6.93
N TYR B 41 19.12 -7.81 6.10
CA TYR B 41 18.01 -7.64 5.12
C TYR B 41 17.98 -8.84 4.13
N ASN B 42 19.11 -9.17 3.51
CA ASN B 42 19.16 -10.26 2.54
C ASN B 42 18.93 -11.64 3.17
N ASP B 43 19.27 -11.80 4.43
CA ASP B 43 18.97 -13.06 5.14
C ASP B 43 17.48 -13.27 5.27
N ALA B 44 16.76 -12.22 5.62
CA ALA B 44 15.31 -12.28 5.74
C ALA B 44 14.65 -12.55 4.40
N VAL B 45 15.13 -11.87 3.36
CA VAL B 45 14.63 -12.05 2.00
C VAL B 45 14.86 -13.46 1.54
N GLU B 46 16.08 -13.96 1.74
CA GLU B 46 16.41 -15.28 1.27
C GLU B 46 15.66 -16.36 2.04
N ASN B 47 15.43 -16.14 3.31
CA ASN B 47 15.08 -17.26 4.15
C ASN B 47 13.72 -17.23 4.83
N THR B 48 13.07 -16.08 4.96
CA THR B 48 11.89 -16.01 5.83
C THR B 48 10.67 -15.43 5.13
N LEU B 49 9.55 -15.42 5.87
CA LEU B 49 8.31 -14.77 5.42
C LEU B 49 8.14 -13.38 5.96
N ALA B 50 9.22 -12.78 6.47
CA ALA B 50 9.12 -11.46 7.08
C ALA B 50 9.19 -10.35 6.03
N ILE B 51 9.77 -10.63 4.87
CA ILE B 51 9.81 -9.67 3.78
C ILE B 51 9.42 -10.44 2.55
N TRP B 52 8.49 -9.89 1.77
CA TRP B 52 7.93 -10.64 0.64
C TRP B 52 8.61 -10.40 -0.72
N ASN B 53 9.75 -9.72 -0.74
CA ASN B 53 10.68 -9.72 -1.90
C ASN B 53 11.32 -11.11 -2.07
N GLU B 54 11.62 -11.52 -3.30
CA GLU B 54 12.40 -12.76 -3.54
C GLU B 54 13.84 -12.46 -3.90
N THR B 55 14.05 -11.40 -4.67
CA THR B 55 15.35 -11.07 -5.22
C THR B 55 16.15 -10.28 -4.21
N LEU B 56 17.40 -10.69 -3.97
CA LEU B 56 18.27 -9.98 -3.04
C LEU B 56 18.63 -8.59 -3.57
N VAL B 57 19.13 -7.73 -2.69
CA VAL B 57 19.55 -6.39 -3.06
C VAL B 57 21.06 -6.26 -2.91
N ASP B 58 21.63 -5.25 -3.56
CA ASP B 58 23.05 -5.01 -3.45
C ASP B 58 23.36 -3.84 -2.55
N LEU B 59 24.64 -3.60 -2.29
CA LEU B 59 25.02 -2.54 -1.37
C LEU B 59 24.60 -1.16 -1.84
N GLU B 60 24.78 -0.86 -3.12
CA GLU B 60 24.37 0.43 -3.69
C GLU B 60 22.88 0.65 -3.41
N ASN B 61 22.07 -0.38 -3.58
CA ASN B 61 20.64 -0.30 -3.29
C ASN B 61 20.34 0.16 -1.84
N ARG B 62 21.08 -0.42 -0.88
CA ARG B 62 20.93 -0.06 0.54
C ARG B 62 21.52 1.32 0.83
N HIS B 63 22.60 1.63 0.11
CA HIS B 63 23.15 2.96 0.16
C HIS B 63 22.09 4.00 -0.24
N GLN B 64 21.50 3.86 -1.42
CA GLN B 64 20.43 4.77 -1.87
C GLN B 64 19.25 4.77 -0.87
N TRP B 65 18.84 3.60 -0.38
CA TRP B 65 17.76 3.52 0.65
C TRP B 65 18.05 4.36 1.90
N LEU B 66 19.24 4.16 2.46
CA LEU B 66 19.65 4.91 3.62
C LEU B 66 19.70 6.41 3.34
N GLU B 67 20.30 6.79 2.21
CA GLU B 67 20.41 8.20 1.83
C GLU B 67 19.03 8.86 1.69
N ASN B 68 18.05 8.14 1.12
CA ASN B 68 16.69 8.68 1.01
C ASN B 68 15.99 8.77 2.37
N ARG B 69 16.16 7.74 3.20
CA ARG B 69 15.68 7.78 4.58
C ARG B 69 16.17 9.05 5.29
N ASN B 70 17.48 9.29 5.26
CA ASN B 70 18.08 10.49 5.89
C ASN B 70 17.59 11.82 5.28
N ARG B 71 17.59 11.90 3.95
CA ARG B 71 17.03 13.07 3.26
C ARG B 71 15.55 13.31 3.64
N ASP B 72 14.74 12.25 3.73
CA ASP B 72 13.34 12.38 4.12
C ASP B 72 13.08 12.52 5.63
N GLY B 73 14.11 12.39 6.44
CA GLY B 73 13.94 12.55 7.90
C GLY B 73 13.24 11.37 8.56
N PHE B 74 13.44 10.18 8.03
CA PHE B 74 12.85 8.98 8.59
C PHE B 74 13.98 8.27 9.26
N PRO B 75 13.82 7.92 10.54
CA PRO B 75 14.96 7.33 11.23
C PRO B 75 15.28 5.90 10.80
N VAL B 76 16.56 5.58 10.86
CA VAL B 76 17.04 4.22 10.79
C VAL B 76 17.86 3.99 12.04
N LEU B 77 17.36 3.09 12.89
CA LEU B 77 18.00 2.80 14.18
C LEU B 77 18.69 1.46 14.13
N VAL B 78 19.89 1.37 14.71
CA VAL B 78 20.59 0.09 14.79
C VAL B 78 20.82 -0.30 16.25
N ALA B 79 20.77 -1.58 16.52
CA ALA B 79 21.04 -2.12 17.83
C ALA B 79 22.42 -2.76 17.77
N GLU B 80 23.31 -2.29 18.62
CA GLU B 80 24.70 -2.71 18.62
C GLU B 80 24.96 -3.39 19.95
N ARG B 81 25.64 -4.52 19.89
CA ARG B 81 26.00 -5.26 21.08
C ARG B 81 27.39 -5.80 20.87
N GLU B 82 28.26 -5.52 21.83
CA GLU B 82 29.68 -5.89 21.76
C GLU B 82 30.26 -5.45 20.41
N GLY B 83 29.98 -4.20 20.03
CA GLY B 83 30.51 -3.61 18.81
C GLY B 83 29.93 -4.06 17.47
N GLN B 84 28.97 -5.01 17.45
CA GLN B 84 28.40 -5.49 16.17
C GLN B 84 26.91 -5.13 16.01
N VAL B 85 26.48 -4.85 14.78
CA VAL B 85 25.06 -4.60 14.51
C VAL B 85 24.32 -5.91 14.63
N VAL B 86 23.36 -5.97 15.53
CA VAL B 86 22.56 -7.18 15.75
C VAL B 86 21.08 -6.99 15.38
N GLY B 87 20.72 -5.80 14.92
CA GLY B 87 19.41 -5.59 14.33
C GLY B 87 19.20 -4.14 13.96
N TYR B 88 18.10 -3.85 13.27
CA TYR B 88 17.78 -2.48 12.94
C TYR B 88 16.29 -2.31 12.73
N ALA B 89 15.84 -1.05 12.76
CA ALA B 89 14.43 -0.73 12.58
C ALA B 89 14.31 0.59 11.88
N SER B 90 13.25 0.72 11.11
CA SER B 90 13.02 1.95 10.41
C SER B 90 11.55 2.05 10.10
N TYR B 91 11.17 3.19 9.56
CA TYR B 91 9.85 3.33 9.01
C TYR B 91 9.93 4.20 7.80
N GLY B 92 8.88 4.15 6.97
CA GLY B 92 8.81 4.97 5.80
C GLY B 92 7.38 5.15 5.40
N PRO B 93 7.13 5.69 4.21
CA PRO B 93 5.75 5.97 3.82
C PRO B 93 4.88 4.73 3.80
N PHE B 94 3.65 4.87 4.31
CA PHE B 94 2.72 3.78 4.28
C PHE B 94 2.17 3.64 2.87
N ARG B 95 1.73 4.76 2.29
CA ARG B 95 1.31 4.84 0.89
C ARG B 95 1.84 6.16 0.28
N PRO B 96 1.89 6.24 -1.06
CA PRO B 96 2.44 7.44 -1.70
C PRO B 96 1.62 8.72 -1.54
N PHE B 97 0.29 8.61 -1.54
CA PHE B 97 -0.52 9.81 -1.60
C PHE B 97 -0.14 10.74 -0.42
N GLU B 98 -0.02 12.05 -0.66
CA GLU B 98 0.34 13.01 0.38
C GLU B 98 -0.69 13.01 1.52
N GLY B 99 -1.92 12.59 1.21
CA GLY B 99 -2.94 12.34 2.19
C GLY B 99 -2.49 11.46 3.34
N PHE B 100 -1.55 10.55 3.08
CA PHE B 100 -1.04 9.63 4.10
C PHE B 100 0.29 10.08 4.73
N ARG B 101 0.69 11.33 4.52
CA ARG B 101 2.01 11.78 4.97
C ARG B 101 2.28 11.56 6.47
N HIS B 102 1.26 11.68 7.31
CA HIS B 102 1.40 11.55 8.76
C HIS B 102 1.30 10.10 9.24
N SER B 103 1.23 9.18 8.27
CA SER B 103 1.25 7.75 8.54
C SER B 103 2.52 7.10 7.97
N SER B 104 3.19 6.27 8.79
CA SER B 104 4.42 5.59 8.40
C SER B 104 4.31 4.12 8.69
N GLU B 105 4.87 3.30 7.81
CA GLU B 105 4.89 1.86 8.04
C GLU B 105 6.24 1.47 8.53
N LEU B 106 6.28 0.69 9.59
CA LEU B 106 7.55 0.36 10.24
C LEU B 106 7.96 -1.09 10.02
N SER B 107 9.28 -1.33 10.10
CA SER B 107 9.85 -2.66 10.05
C SER B 107 10.95 -2.75 11.11
N VAL B 108 10.98 -3.90 11.81
CA VAL B 108 11.99 -4.25 12.78
C VAL B 108 12.66 -5.57 12.34
N TYR B 109 13.99 -5.59 12.28
CA TYR B 109 14.78 -6.76 11.88
C TYR B 109 15.82 -7.11 12.93
N VAL B 110 15.78 -8.34 13.40
CA VAL B 110 16.78 -8.87 14.33
C VAL B 110 17.65 -9.93 13.62
N ALA B 111 18.96 -9.90 13.85
CA ALA B 111 19.84 -10.90 13.19
C ALA B 111 19.44 -12.29 13.66
N SER B 112 19.35 -13.26 12.76
CA SER B 112 18.89 -14.60 13.10
C SER B 112 19.69 -15.34 14.18
N ASN B 113 20.98 -15.06 14.31
CA ASN B 113 21.78 -15.70 15.35
C ASN B 113 21.64 -14.96 16.68
N ALA B 114 21.00 -13.78 16.64
CA ALA B 114 20.85 -12.93 17.82
C ALA B 114 19.40 -12.87 18.29
N ARG B 115 18.55 -13.77 17.79
CA ARG B 115 17.14 -13.80 18.16
C ARG B 115 16.98 -14.19 19.66
N GLY B 116 15.89 -13.74 20.27
CA GLY B 116 15.60 -14.07 21.67
C GLY B 116 16.51 -13.41 22.70
N GLY B 117 16.44 -12.09 22.81
CA GLY B 117 17.16 -11.38 23.87
C GLY B 117 16.68 -9.95 24.08
N GLY B 118 15.46 -9.64 23.64
CA GLY B 118 14.90 -8.30 23.81
C GLY B 118 15.30 -7.31 22.74
N ILE B 119 15.98 -7.77 21.69
CA ILE B 119 16.45 -6.82 20.68
C ILE B 119 15.25 -6.19 19.93
N GLY B 120 14.31 -7.03 19.45
CA GLY B 120 13.07 -6.54 18.85
C GLY B 120 12.27 -5.55 19.71
N ARG B 121 12.05 -5.89 20.99
CA ARG B 121 11.26 -5.07 21.89
C ARG B 121 11.90 -3.67 22.06
N THR B 122 13.22 -3.63 22.15
CA THR B 122 13.96 -2.42 22.46
C THR B 122 13.97 -1.50 21.23
N LEU B 123 14.21 -2.08 20.07
CA LEU B 123 14.20 -1.34 18.80
C LEU B 123 12.84 -0.72 18.54
N LEU B 124 11.78 -1.50 18.76
CA LEU B 124 10.42 -1.05 18.53
C LEU B 124 10.05 0.09 19.50
N ALA B 125 10.50 -0.04 20.73
CA ALA B 125 10.21 1.00 21.73
C ALA B 125 10.89 2.30 21.36
N GLU B 126 12.16 2.26 20.97
CA GLU B 126 12.87 3.50 20.62
C GLU B 126 12.35 4.08 19.33
N LEU B 127 11.90 3.23 18.41
CA LEU B 127 11.42 3.70 17.12
C LEU B 127 10.11 4.43 17.33
N ILE B 128 9.31 3.93 18.26
CA ILE B 128 8.07 4.62 18.61
C ILE B 128 8.38 6.02 19.18
N GLU B 129 9.37 6.10 20.05
CA GLU B 129 9.78 7.40 20.63
C GLU B 129 10.27 8.34 19.51
N GLU B 130 11.01 7.80 18.54
CA GLU B 130 11.53 8.63 17.46
C GLU B 130 10.39 9.13 16.58
N ALA B 131 9.40 8.28 16.37
CA ALA B 131 8.24 8.64 15.57
C ALA B 131 7.46 9.79 16.25
N ARG B 132 7.21 9.71 17.55
CA ARG B 132 6.51 10.80 18.25
C ARG B 132 7.33 12.06 18.22
N GLU B 133 8.63 11.91 18.39
CA GLU B 133 9.55 13.00 18.35
C GLU B 133 9.45 13.76 17.01
N ARG B 134 9.24 13.01 15.93
CA ARG B 134 9.10 13.58 14.59
C ARG B 134 7.63 13.87 14.20
N LYS B 135 6.71 13.73 15.15
CA LYS B 135 5.30 14.11 14.95
C LYS B 135 4.58 13.21 13.94
N VAL B 136 5.00 11.95 13.86
CA VAL B 136 4.20 10.96 13.13
C VAL B 136 2.83 10.77 13.85
N HIS B 137 1.73 10.69 13.09
CA HIS B 137 0.40 10.45 13.69
C HIS B 137 0.06 8.97 13.92
N VAL B 138 0.36 8.14 12.94
CA VAL B 138 0.07 6.70 13.04
C VAL B 138 1.23 5.89 12.53
N LEU B 139 1.57 4.85 13.28
CA LEU B 139 2.44 3.83 12.82
C LEU B 139 1.62 2.62 12.41
N ILE B 140 2.03 2.04 11.29
CA ILE B 140 1.39 0.87 10.73
C ILE B 140 2.42 -0.26 10.62
N ALA B 141 2.02 -1.45 10.99
CA ALA B 141 2.82 -2.64 10.78
C ALA B 141 2.00 -3.55 9.84
N GLY B 142 2.68 -4.08 8.82
CA GLY B 142 2.17 -5.14 7.98
C GLY B 142 2.89 -6.43 8.31
N ILE B 143 2.16 -7.37 8.89
CA ILE B 143 2.75 -8.59 9.43
C ILE B 143 2.16 -9.80 8.75
N GLU B 144 3.01 -10.75 8.41
CA GLU B 144 2.48 -12.02 7.92
C GLU B 144 1.58 -12.61 8.99
N ALA B 145 0.34 -12.92 8.61
CA ALA B 145 -0.72 -13.10 9.59
C ALA B 145 -0.51 -14.28 10.57
N GLY B 146 0.26 -15.30 10.16
CA GLY B 146 0.59 -16.42 11.06
C GLY B 146 1.75 -16.16 12.02
N ASN B 147 2.40 -15.00 11.91
CA ASN B 147 3.53 -14.71 12.80
C ASN B 147 3.09 -14.26 14.20
N ALA B 148 2.70 -15.23 15.05
CA ALA B 148 2.15 -14.84 16.35
C ALA B 148 3.14 -14.05 17.22
N ALA B 149 4.44 -14.27 17.03
CA ALA B 149 5.45 -13.60 17.88
C ALA B 149 5.55 -12.13 17.53
N SER B 150 5.60 -11.84 16.24
CA SER B 150 5.71 -10.48 15.81
C SER B 150 4.42 -9.73 16.22
N ILE B 151 3.27 -10.38 16.02
CA ILE B 151 1.98 -9.81 16.45
C ILE B 151 1.95 -9.49 17.97
N ALA B 152 2.38 -10.43 18.81
CA ALA B 152 2.45 -10.20 20.29
C ALA B 152 3.39 -9.05 20.63
N LEU B 153 4.47 -8.94 19.89
CA LEU B 153 5.48 -7.92 20.18
C LEU B 153 4.86 -6.58 19.90
N HIS B 154 4.18 -6.45 18.78
CA HIS B 154 3.53 -5.17 18.46
C HIS B 154 2.40 -4.89 19.44
N ARG B 155 1.60 -5.90 19.73
CA ARG B 155 0.52 -5.73 20.72
C ARG B 155 1.03 -5.26 22.07
N SER B 156 2.11 -5.83 22.56
CA SER B 156 2.66 -5.44 23.86
C SER B 156 3.07 -3.97 23.89
N GLN B 157 3.20 -3.31 22.72
CA GLN B 157 3.55 -1.88 22.71
C GLN B 157 2.36 -1.02 22.26
N GLY B 158 1.17 -1.60 22.30
CA GLY B 158 -0.08 -0.88 22.11
C GLY B 158 -0.56 -0.81 20.67
N PHE B 159 -0.04 -1.69 19.80
CA PHE B 159 -0.60 -1.80 18.46
C PHE B 159 -1.90 -2.59 18.54
N GLU B 160 -2.89 -2.18 17.75
CA GLU B 160 -4.18 -2.85 17.64
C GLU B 160 -4.34 -3.44 16.25
N GLU B 161 -4.97 -4.62 16.15
CA GLU B 161 -5.17 -5.25 14.85
C GLU B 161 -6.24 -4.48 14.08
N CYS B 162 -6.01 -4.28 12.79
CA CYS B 162 -7.00 -3.62 11.94
C CYS B 162 -7.73 -4.65 11.11
N GLY B 163 -7.03 -5.59 10.54
CA GLY B 163 -7.70 -6.51 9.64
C GLY B 163 -6.67 -7.22 8.81
N THR B 164 -7.13 -8.22 8.08
CA THR B 164 -6.28 -9.14 7.34
C THR B 164 -6.69 -9.20 5.87
N LEU B 165 -5.71 -9.01 4.99
CA LEU B 165 -5.89 -9.20 3.57
C LEU B 165 -5.41 -10.61 3.24
N LYS B 166 -6.34 -11.48 2.87
CA LYS B 166 -6.04 -12.89 2.67
C LYS B 166 -5.47 -13.15 1.27
N GLN B 167 -4.41 -14.00 1.23
CA GLN B 167 -3.79 -14.49 0.03
C GLN B 167 -3.27 -13.36 -0.84
N VAL B 168 -2.86 -12.24 -0.23
CA VAL B 168 -2.41 -11.07 -1.03
C VAL B 168 -0.94 -11.13 -1.35
N GLY B 169 -0.23 -12.03 -0.65
CA GLY B 169 1.20 -12.28 -0.92
C GLY B 169 1.44 -13.72 -1.34
N GLN B 170 2.61 -13.96 -1.95
CA GLN B 170 3.07 -15.27 -2.34
C GLN B 170 4.58 -15.27 -2.13
N LYS B 171 5.11 -16.38 -1.62
CA LYS B 171 6.55 -16.58 -1.49
C LYS B 171 6.79 -18.06 -1.27
N PHE B 172 7.88 -18.56 -1.85
CA PHE B 172 8.27 -19.94 -1.69
C PHE B 172 7.17 -20.92 -2.14
N GLY B 173 6.34 -20.53 -3.09
CA GLY B 173 5.33 -21.42 -3.60
C GLY B 173 4.05 -21.50 -2.76
N ARG B 174 3.88 -20.59 -1.79
CA ARG B 174 2.63 -20.52 -1.00
C ARG B 174 2.03 -19.12 -0.92
N TRP B 175 0.70 -19.07 -0.69
CA TRP B 175 -0.02 -17.83 -0.43
C TRP B 175 0.30 -17.34 1.00
N LEU B 176 0.22 -16.02 1.18
CA LEU B 176 0.46 -15.38 2.47
C LEU B 176 -0.61 -14.34 2.74
N ASP B 177 -0.97 -14.23 4.01
CA ASP B 177 -1.97 -13.26 4.43
C ASP B 177 -1.25 -12.10 5.13
N LEU B 178 -1.69 -10.88 4.86
CA LEU B 178 -1.14 -9.68 5.50
C LEU B 178 -2.10 -9.13 6.56
N LEU B 179 -1.63 -9.11 7.82
CA LEU B 179 -2.36 -8.44 8.90
C LEU B 179 -1.83 -7.05 9.08
N PHE B 180 -2.71 -6.05 9.11
CA PHE B 180 -2.29 -4.71 9.48
C PHE B 180 -2.60 -4.48 10.93
N MET B 181 -1.62 -3.87 11.62
CA MET B 181 -1.79 -3.38 12.96
C MET B 181 -1.45 -1.92 12.94
N GLN B 182 -2.01 -1.17 13.86
CA GLN B 182 -1.74 0.24 13.99
C GLN B 182 -1.58 0.74 15.45
N LYS B 183 -0.86 1.84 15.61
CA LYS B 183 -0.80 2.58 16.85
C LYS B 183 -0.90 4.06 16.50
N ILE B 184 -1.91 4.72 17.05
CA ILE B 184 -2.05 6.19 16.91
C ILE B 184 -1.21 6.83 18.01
N LEU B 185 -0.34 7.75 17.61
CA LEU B 185 0.59 8.32 18.55
C LEU B 185 0.01 9.61 19.14
N1A ACO C . -24.72 7.38 -1.63
C2A ACO C . -25.05 6.13 -1.22
N3A ACO C . -25.08 5.08 -2.04
C4A ACO C . -24.76 5.22 -3.34
C5A ACO C . -24.40 6.53 -3.88
C6A ACO C . -24.40 7.64 -2.91
N6A ACO C . -24.08 8.89 -3.36
N7A ACO C . -24.13 6.39 -5.20
C8A ACO C . -24.34 5.08 -5.50
N9A ACO C . -24.71 4.41 -4.40
C1B ACO C . -24.92 2.93 -4.29
C2B ACO C . -25.95 2.34 -5.23
O2B ACO C . -27.23 2.34 -4.64
C3B ACO C . -25.37 0.95 -5.48
O3B ACO C . -25.68 0.09 -4.36
P3B ACO C . -26.40 -1.36 -4.56
O7A ACO C . -25.45 -2.13 -5.44
O8A ACO C . -27.72 -0.99 -5.09
O9A ACO C . -26.39 -1.92 -3.13
C4B ACO C . -23.87 1.21 -5.50
O4B ACO C . -23.66 2.36 -4.69
C5B ACO C . -23.27 1.41 -6.91
O5B ACO C . -24.17 2.14 -7.70
P1A ACO C . -23.77 2.58 -9.18
O1A ACO C . -24.91 3.44 -9.64
O2A ACO C . -23.35 1.40 -10.00
O3A ACO C . -22.43 3.39 -8.92
P2A ACO C . -21.89 4.71 -9.62
O4A ACO C . -22.43 5.89 -8.91
O5A ACO C . -22.06 4.61 -11.12
O6A ACO C . -20.35 4.58 -9.31
CBP ACO C . -18.55 5.28 -7.82
CCP ACO C . -19.86 4.54 -7.95
CDP ACO C . -17.54 4.65 -8.77
CEP ACO C . -18.05 5.14 -6.40
CAP ACO C . -18.87 6.78 -8.12
OAP ACO C . -19.67 7.31 -7.05
C9P ACO C . -17.71 7.74 -8.20
O9P ACO C . -17.10 7.92 -9.23
N8P ACO C . -17.36 8.39 -7.09
C7P ACO C . -16.14 9.23 -7.02
C6P ACO C . -14.87 8.46 -7.29
C5P ACO C . -14.74 7.33 -6.27
O5P ACO C . -15.04 7.53 -5.10
N4P ACO C . -14.26 6.14 -6.66
C3P ACO C . -14.07 5.06 -5.66
C2P ACO C . -12.87 5.26 -4.73
S1P ACO C . -12.61 3.89 -3.59
C ACO C . -11.39 3.09 -4.45
O ACO C . -10.19 3.48 -4.51
CH3 ACO C . -11.79 1.85 -5.10
CA CA D . 3.06 18.85 -17.64
CA CA E . -12.76 -10.58 -21.30
CL CL F . -0.99 -0.43 1.21
CA CA G . 17.63 -17.54 -3.51
CA CA H . 6.19 -5.86 7.61
#